data_7WCV
#
_entry.id   7WCV
#
_cell.length_a   141.759
_cell.length_b   141.759
_cell.length_c   83.740
_cell.angle_alpha   90.000
_cell.angle_beta   90.000
_cell.angle_gamma   120.000
#
_symmetry.space_group_name_H-M   'H 3'
#
loop_
_entity.id
_entity.type
_entity.pdbx_description
1 polymer 'Alpha-ketoglutarate-dependent dioxygenase FTO'
2 non-polymer '2-OXOGLUTARIC ACID'
3 non-polymer 'MANGANESE (II) ION'
4 non-polymer '2-[[2,6-bis(chloranyl)-4-pyridin-4-yl-phenyl]amino]benzoic acid'
5 water water
#
_entity_poly.entity_id   1
_entity_poly.type   'polypeptide(L)'
_entity_poly.pdbx_seq_one_letter_code
;HHHHHHSSGLVPRGSHMTPKDDEFYQQWQLKYPKLILREASSVSEELHKEVQEAFLTLHKHGCLFRDLVRIQGKDLLTPV
SRILIGNPGCTYKYLNTRLFTVPWPVKGSNIKHTEAEIAAACETFLKLNDYLQIETIQALEELAAKEKANEDAVPLCMSA
DFPRVGMGSSYNGQDEVDIKSRAAYNVTLLNFMDPQKMPYLKEEPYFGMGKMAVSWHHDENLVDRSAVAVYSYSCEGPEE
ESEDDSHLEGRDPDIWHVGFKISWDIETPGLAIPLHQGDCYFMLDDLNATHQHCVLAGSQPRFSSTHRVAECSTGTLDYI
LQRCQLALQNVCDDVDNDDVSLKSFEPAVLKQGEEIHNEVEFEWLRQFWFQGNRYRKCTDWWCQPMAQLEALWKKMEGVT
NAVLHEVKREGLPVEQRNEILTAILASLTARQNLRREWHARCQSRIARTLPADQKPECRPYWEKDDASMPLPFDLTDIVS
ELRGQLLEAKP
;
_entity_poly.pdbx_strand_id   A
#
loop_
_chem_comp.id
_chem_comp.type
_chem_comp.name
_chem_comp.formula
943 non-polymer '2-[[2,6-bis(chloranyl)-4-pyridin-4-yl-phenyl]amino]benzoic acid' 'C18 H12 Cl2 N2 O2'
AKG non-polymer '2-OXOGLUTARIC ACID' 'C5 H6 O5'
MN non-polymer 'MANGANESE (II) ION' 'Mn 2'
#
# COMPACT_ATOMS: atom_id res chain seq x y z
N GLY A 14 7.93 -23.34 23.08
CA GLY A 14 7.67 -21.91 23.08
C GLY A 14 6.49 -21.53 23.95
N SER A 15 6.64 -20.45 24.71
CA SER A 15 5.60 -19.93 25.59
C SER A 15 5.46 -18.43 25.36
N HIS A 16 4.46 -17.82 26.00
CA HIS A 16 4.22 -16.40 25.87
C HIS A 16 3.88 -15.79 27.22
N MET A 17 4.19 -14.50 27.36
CA MET A 17 3.97 -13.77 28.60
C MET A 17 2.86 -12.74 28.41
N THR A 18 2.01 -12.62 29.43
CA THR A 18 0.91 -11.66 29.51
C THR A 18 0.99 -10.94 30.85
N PRO A 19 0.17 -9.88 31.10
CA PRO A 19 0.24 -9.18 32.39
C PRO A 19 0.05 -10.05 33.63
N LYS A 20 -0.48 -11.27 33.46
CA LYS A 20 -0.59 -12.16 34.61
C LYS A 20 0.77 -12.72 35.01
N ASP A 21 1.70 -12.82 34.08
CA ASP A 21 3.01 -13.39 34.39
C ASP A 21 3.89 -12.34 35.05
N ASP A 22 4.58 -12.74 36.10
CA ASP A 22 5.46 -11.81 36.81
C ASP A 22 6.63 -11.36 35.94
N GLU A 23 7.12 -12.24 35.05
CA GLU A 23 8.23 -11.91 34.17
C GLU A 23 7.83 -10.97 33.04
N PHE A 24 6.53 -10.80 32.80
CA PHE A 24 6.05 -9.99 31.69
C PHE A 24 6.59 -8.57 31.78
N TYR A 25 6.49 -7.95 32.95
CA TYR A 25 6.80 -6.53 33.08
C TYR A 25 8.30 -6.28 32.93
N GLN A 26 9.13 -7.19 33.43
CA GLN A 26 10.57 -7.04 33.26
C GLN A 26 11.04 -7.48 31.88
N GLN A 27 10.33 -8.39 31.23
CA GLN A 27 10.64 -8.67 29.82
C GLN A 27 10.36 -7.46 28.95
N TRP A 28 9.22 -6.81 29.18
CA TRP A 28 8.87 -5.59 28.44
C TRP A 28 9.89 -4.49 28.70
N GLN A 29 10.16 -4.18 29.96
CA GLN A 29 11.04 -3.08 30.31
C GLN A 29 12.45 -3.32 29.81
N LEU A 30 12.91 -4.56 29.83
CA LEU A 30 14.29 -4.85 29.44
C LEU A 30 14.42 -4.94 27.93
N LYS A 31 13.56 -5.70 27.28
CA LYS A 31 13.75 -6.07 25.88
C LYS A 31 12.74 -5.47 24.92
N TYR A 32 11.79 -4.67 25.41
CA TYR A 32 10.89 -3.91 24.53
C TYR A 32 10.78 -2.46 24.95
N PRO A 33 11.91 -1.77 25.23
CA PRO A 33 11.80 -0.35 25.57
C PRO A 33 11.25 0.49 24.44
N LYS A 34 11.29 0.01 23.20
CA LYS A 34 10.78 0.77 22.06
C LYS A 34 9.32 0.48 21.77
N LEU A 35 8.64 -0.27 22.65
CA LEU A 35 7.21 -0.50 22.57
C LEU A 35 6.53 0.29 23.68
N ILE A 36 5.67 1.23 23.31
CA ILE A 36 4.99 2.09 24.27
C ILE A 36 3.51 1.74 24.25
N LEU A 37 2.89 1.79 25.43
CA LEU A 37 1.46 1.53 25.59
C LEU A 37 0.86 2.70 26.35
N ARG A 38 -0.12 3.36 25.74
CA ARG A 38 -0.84 4.47 26.36
C ARG A 38 -2.31 4.04 26.44
N GLU A 39 -2.75 3.72 27.65
CA GLU A 39 -4.09 3.20 27.84
C GLU A 39 -5.14 4.30 27.65
N ALA A 40 -6.39 3.87 27.47
CA ALA A 40 -7.47 4.78 27.11
C ALA A 40 -7.59 5.95 28.08
N SER A 41 -7.18 5.77 29.34
CA SER A 41 -7.27 6.86 30.31
C SER A 41 -6.40 8.06 29.94
N SER A 42 -5.45 7.89 29.02
CA SER A 42 -4.45 8.91 28.74
C SER A 42 -4.81 9.81 27.56
N VAL A 43 -6.01 9.67 26.99
CA VAL A 43 -6.45 10.54 25.91
C VAL A 43 -7.84 11.06 26.22
N SER A 44 -8.17 12.21 25.67
CA SER A 44 -9.44 12.85 25.94
C SER A 44 -10.65 12.01 25.60
N GLU A 45 -11.63 12.08 26.49
CA GLU A 45 -12.86 11.36 26.35
C GLU A 45 -13.59 11.88 25.15
N GLU A 46 -13.45 13.17 24.89
CA GLU A 46 -14.12 13.75 23.75
C GLU A 46 -13.60 13.10 22.50
N LEU A 47 -12.31 12.93 22.42
CA LEU A 47 -11.71 12.32 21.27
C LEU A 47 -12.21 10.91 21.12
N HIS A 48 -12.32 10.20 22.22
CA HIS A 48 -12.76 8.81 22.17
C HIS A 48 -14.06 8.68 21.37
N LYS A 49 -15.06 9.50 21.72
CA LYS A 49 -16.36 9.40 21.05
C LYS A 49 -16.25 9.80 19.58
N GLU A 50 -15.52 10.87 19.27
CA GLU A 50 -15.42 11.32 17.89
C GLU A 50 -14.73 10.28 17.01
N VAL A 51 -13.70 9.61 17.54
CA VAL A 51 -13.00 8.59 16.76
C VAL A 51 -13.87 7.35 16.59
N GLN A 52 -14.49 6.88 17.68
CA GLN A 52 -15.31 5.68 17.59
C GLN A 52 -16.57 5.91 16.78
N GLU A 53 -17.09 7.13 16.78
CA GLU A 53 -18.22 7.43 15.89
C GLU A 53 -17.78 7.45 14.43
N ALA A 54 -16.55 7.90 14.17
CA ALA A 54 -16.04 7.93 12.81
C ALA A 54 -15.83 6.53 12.26
N PHE A 55 -15.34 5.62 13.10
CA PHE A 55 -15.30 4.20 12.74
C PHE A 55 -16.68 3.71 12.31
N LEU A 56 -17.65 3.79 13.23
CA LEU A 56 -18.99 3.29 12.94
C LEU A 56 -19.60 3.96 11.72
N THR A 57 -19.31 5.25 11.52
CA THR A 57 -19.86 5.97 10.38
C THR A 57 -19.34 5.39 9.07
N LEU A 58 -18.02 5.24 8.94
CA LEU A 58 -17.43 4.71 7.72
C LEU A 58 -17.82 3.25 7.50
N HIS A 59 -17.95 2.48 8.59
CA HIS A 59 -18.41 1.11 8.45
C HIS A 59 -19.85 1.05 7.94
N LYS A 60 -20.73 1.88 8.52
CA LYS A 60 -22.13 1.87 8.10
C LYS A 60 -22.27 2.29 6.65
N HIS A 61 -21.49 3.29 6.22
CA HIS A 61 -21.49 3.72 4.83
C HIS A 61 -20.79 2.72 3.90
N GLY A 62 -20.34 1.58 4.43
CA GLY A 62 -19.73 0.55 3.60
C GLY A 62 -18.42 0.96 2.95
N CYS A 63 -17.57 1.65 3.69
CA CYS A 63 -16.32 2.15 3.14
C CYS A 63 -15.15 1.19 3.33
N LEU A 64 -15.29 0.15 4.16
CA LEU A 64 -14.20 -0.77 4.46
C LEU A 64 -14.32 -2.01 3.60
N PHE A 65 -13.22 -2.38 2.96
CA PHE A 65 -13.21 -3.51 2.03
C PHE A 65 -12.06 -4.45 2.37
N ARG A 66 -12.30 -5.73 2.20
CA ARG A 66 -11.22 -6.69 2.19
C ARG A 66 -10.41 -6.51 0.91
N ASP A 67 -9.09 -6.54 1.03
CA ASP A 67 -8.22 -6.34 -0.13
C ASP A 67 -7.93 -7.68 -0.79
N LEU A 68 -7.93 -7.68 -2.12
CA LEU A 68 -7.46 -8.82 -2.91
C LEU A 68 -5.95 -8.70 -3.06
N VAL A 69 -5.21 -9.62 -2.43
CA VAL A 69 -3.80 -9.46 -2.13
C VAL A 69 -3.05 -10.70 -2.61
N ARG A 70 -1.76 -10.55 -2.87
CA ARG A 70 -0.90 -11.65 -3.28
C ARG A 70 0.19 -11.91 -2.26
N ILE A 71 0.28 -13.18 -1.82
CA ILE A 71 1.39 -13.67 -1.00
C ILE A 71 1.94 -14.92 -1.64
N GLN A 72 3.24 -14.92 -1.96
CA GLN A 72 3.95 -16.06 -2.54
C GLN A 72 3.10 -16.79 -3.58
N GLY A 73 2.70 -16.02 -4.60
CA GLY A 73 1.98 -16.56 -5.74
C GLY A 73 0.52 -16.88 -5.50
N LYS A 74 -0.02 -16.63 -4.31
CA LYS A 74 -1.39 -16.95 -3.97
C LYS A 74 -2.24 -15.69 -3.88
N ASP A 75 -3.48 -15.77 -4.37
CA ASP A 75 -4.43 -14.66 -4.31
C ASP A 75 -5.37 -14.87 -3.12
N LEU A 76 -5.32 -13.96 -2.16
CA LEU A 76 -6.11 -14.11 -0.95
C LEU A 76 -6.67 -12.78 -0.48
N LEU A 77 -7.88 -12.83 0.08
CA LEU A 77 -8.47 -11.66 0.69
C LEU A 77 -8.03 -11.55 2.14
N THR A 78 -7.84 -10.31 2.59
CA THR A 78 -7.44 -10.11 3.97
C THR A 78 -8.57 -10.53 4.91
N PRO A 79 -8.26 -11.13 6.05
CA PRO A 79 -9.29 -11.32 7.08
C PRO A 79 -9.89 -10.01 7.55
N VAL A 80 -9.19 -8.90 7.30
CA VAL A 80 -9.58 -7.58 7.77
C VAL A 80 -10.16 -6.78 6.60
N SER A 81 -11.15 -5.95 6.91
CA SER A 81 -11.64 -4.94 5.98
C SER A 81 -10.93 -3.63 6.26
N ARG A 82 -10.56 -2.92 5.21
CA ARG A 82 -9.62 -1.81 5.35
C ARG A 82 -10.06 -0.59 4.55
N ILE A 83 -9.48 0.55 4.93
CA ILE A 83 -9.51 1.76 4.11
C ILE A 83 -8.27 2.56 4.44
N LEU A 84 -7.70 3.22 3.43
CA LEU A 84 -6.52 4.06 3.61
C LEU A 84 -6.93 5.53 3.57
N ILE A 85 -6.60 6.27 4.62
CA ILE A 85 -6.88 7.70 4.73
C ILE A 85 -5.56 8.42 4.99
N GLY A 86 -5.36 9.54 4.31
CA GLY A 86 -4.11 10.26 4.49
C GLY A 86 -4.00 11.47 3.59
N ASN A 87 -2.76 11.90 3.39
CA ASN A 87 -2.48 13.08 2.58
C ASN A 87 -3.03 12.89 1.17
N PRO A 88 -3.59 13.94 0.57
CA PRO A 88 -4.04 13.85 -0.83
C PRO A 88 -2.88 13.48 -1.75
N GLY A 89 -3.14 12.50 -2.62
CA GLY A 89 -2.16 12.06 -3.61
C GLY A 89 -1.21 10.99 -3.13
N CYS A 90 -1.27 10.61 -1.87
CA CYS A 90 -0.35 9.64 -1.29
C CYS A 90 -0.87 8.22 -1.50
N THR A 91 0.06 7.28 -1.60
CA THR A 91 -0.28 5.87 -1.72
C THR A 91 0.55 5.07 -0.71
N TYR A 92 0.04 3.90 -0.34
CA TYR A 92 0.74 2.95 0.52
C TYR A 92 0.62 1.58 -0.11
N LYS A 93 1.76 0.94 -0.37
CA LYS A 93 1.80 -0.35 -1.03
C LYS A 93 2.19 -1.42 -0.03
N TYR A 94 1.45 -2.53 -0.02
CA TYR A 94 1.80 -3.68 0.80
C TYR A 94 1.26 -4.94 0.14
N LEU A 95 2.07 -6.00 0.13
CA LEU A 95 1.70 -7.29 -0.45
C LEU A 95 1.19 -7.13 -1.88
N ASN A 96 1.94 -6.35 -2.67
CA ASN A 96 1.73 -6.14 -4.09
C ASN A 96 0.44 -5.40 -4.41
N THR A 97 -0.08 -4.68 -3.44
CA THR A 97 -1.28 -3.94 -3.66
C THR A 97 -1.08 -2.50 -3.25
N ARG A 98 -1.42 -1.56 -4.10
CA ARG A 98 -1.23 -0.17 -3.76
C ARG A 98 -2.53 0.45 -3.38
N LEU A 99 -2.58 1.01 -2.19
CA LEU A 99 -3.78 1.66 -1.73
C LEU A 99 -3.68 3.15 -1.97
N PHE A 100 -4.78 3.75 -2.36
CA PHE A 100 -4.84 5.15 -2.64
C PHE A 100 -5.61 5.81 -1.53
N THR A 101 -5.10 6.91 -1.02
CA THR A 101 -5.79 7.58 0.06
C THR A 101 -7.08 8.25 -0.22
N VAL A 102 -8.02 8.15 0.69
CA VAL A 102 -9.24 8.90 0.59
C VAL A 102 -8.65 9.99 1.44
N PRO A 103 -8.62 11.24 0.87
CA PRO A 103 -7.89 12.25 1.65
C PRO A 103 -8.49 12.90 2.85
N TRP A 104 -7.64 13.27 3.78
CA TRP A 104 -8.13 14.04 4.92
C TRP A 104 -7.80 15.52 4.73
N PRO A 105 -8.58 16.44 5.35
CA PRO A 105 -8.44 17.90 5.07
C PRO A 105 -7.15 18.56 5.57
N VAL A 106 -6.03 18.29 4.89
CA VAL A 106 -4.81 19.03 5.15
C VAL A 106 -4.80 20.29 4.30
N LYS A 107 -4.15 21.34 4.81
CA LYS A 107 -4.11 22.63 4.13
C LYS A 107 -3.30 22.54 2.83
N THR A 114 -16.24 13.36 -2.27
CA THR A 114 -16.27 13.22 -0.83
C THR A 114 -17.53 13.82 -0.22
N GLU A 115 -18.32 12.99 0.46
CA GLU A 115 -19.55 13.44 1.09
C GLU A 115 -19.26 14.07 2.45
N ALA A 116 -20.18 14.96 2.88
CA ALA A 116 -19.94 15.75 4.08
C ALA A 116 -19.85 14.89 5.33
N GLU A 117 -20.51 13.73 5.35
CA GLU A 117 -20.43 12.85 6.52
C GLU A 117 -19.12 12.06 6.52
N ILE A 118 -18.78 11.46 5.37
CA ILE A 118 -17.53 10.72 5.26
C ILE A 118 -16.34 11.66 5.39
N ALA A 119 -16.48 12.91 4.94
CA ALA A 119 -15.40 13.88 5.10
C ALA A 119 -15.17 14.24 6.56
N ALA A 120 -16.22 14.17 7.38
CA ALA A 120 -16.07 14.48 8.80
C ALA A 120 -15.31 13.38 9.53
N ALA A 121 -15.40 12.13 9.05
CA ALA A 121 -14.65 11.05 9.66
C ALA A 121 -13.17 11.15 9.31
N CYS A 122 -12.86 11.52 8.07
CA CYS A 122 -11.47 11.73 7.69
C CYS A 122 -10.86 12.89 8.47
N GLU A 123 -11.62 13.96 8.66
CA GLU A 123 -11.15 15.06 9.51
C GLU A 123 -10.87 14.57 10.91
N THR A 124 -11.73 13.69 11.44
CA THR A 124 -11.49 13.12 12.77
C THR A 124 -10.17 12.37 12.81
N PHE A 125 -9.92 11.50 11.82
CA PHE A 125 -8.71 10.69 11.85
C PHE A 125 -7.46 11.51 11.56
N LEU A 126 -7.60 12.68 10.94
CA LEU A 126 -6.48 13.62 10.89
C LEU A 126 -6.25 14.24 12.27
N LYS A 127 -7.33 14.55 12.98
CA LYS A 127 -7.19 15.01 14.36
C LYS A 127 -6.53 13.94 15.22
N LEU A 128 -6.99 12.69 15.09
CA LEU A 128 -6.30 11.60 15.77
C LEU A 128 -4.84 11.51 15.35
N ASN A 129 -4.56 11.78 14.07
CA ASN A 129 -3.18 11.77 13.57
C ASN A 129 -2.35 12.84 14.26
N ASP A 130 -2.89 14.05 14.41
CA ASP A 130 -2.15 15.12 15.08
C ASP A 130 -1.81 14.76 16.51
N TYR A 131 -2.77 14.17 17.25
CA TYR A 131 -2.50 13.82 18.64
C TYR A 131 -1.43 12.74 18.75
N LEU A 132 -1.59 11.68 17.96
CA LEU A 132 -0.62 10.58 18.01
C LEU A 132 0.78 11.06 17.65
N GLN A 133 0.87 11.97 16.67
CA GLN A 133 2.15 12.56 16.30
C GLN A 133 2.83 13.21 17.50
N ILE A 134 2.07 13.97 18.29
CA ILE A 134 2.61 14.63 19.47
C ILE A 134 3.07 13.59 20.49
N GLU A 135 2.23 12.60 20.77
CA GLU A 135 2.60 11.54 21.71
C GLU A 135 3.84 10.77 21.23
N THR A 136 4.01 10.64 19.91
CA THR A 136 5.16 9.92 19.39
C THR A 136 6.44 10.73 19.59
N ILE A 137 6.41 12.02 19.25
CA ILE A 137 7.58 12.87 19.41
C ILE A 137 8.01 12.89 20.87
N GLN A 138 7.04 12.96 21.79
CA GLN A 138 7.35 12.97 23.22
C GLN A 138 8.02 11.66 23.64
N ALA A 139 7.46 10.53 23.20
CA ALA A 139 8.01 9.23 23.59
C ALA A 139 9.41 9.03 23.02
N LEU A 140 9.62 9.45 21.77
CA LEU A 140 10.96 9.35 21.18
C LEU A 140 11.95 10.27 21.86
N GLU A 141 11.49 11.45 22.30
CA GLU A 141 12.38 12.36 23.02
C GLU A 141 12.78 11.78 24.37
N GLU A 142 11.85 11.08 25.04
CA GLU A 142 12.20 10.44 26.31
C GLU A 142 13.19 9.30 26.10
N LEU A 143 13.00 8.50 25.04
CA LEU A 143 13.87 7.35 24.83
C LEU A 143 15.29 7.78 24.49
N ALA A 144 15.44 8.87 23.73
CA ALA A 144 16.76 9.41 23.48
C ALA A 144 17.40 9.92 24.76
N ALA A 145 16.59 10.41 25.70
CA ALA A 145 17.12 10.85 26.98
C ALA A 145 17.64 9.67 27.81
N LYS A 146 16.87 8.57 27.85
CA LYS A 146 17.34 7.38 28.54
C LYS A 146 18.54 6.76 27.83
N GLU A 147 18.57 6.83 26.49
CA GLU A 147 19.71 6.31 25.76
C GLU A 147 21.00 7.04 26.13
N LYS A 148 20.93 8.37 26.24
CA LYS A 148 22.10 9.14 26.65
C LYS A 148 22.51 8.82 28.08
N ALA A 149 21.54 8.70 28.98
CA ALA A 149 21.82 8.39 30.38
C ALA A 149 22.38 6.98 30.51
N GLN A 174 19.12 18.46 14.37
CA GLN A 174 19.94 17.27 14.18
C GLN A 174 19.12 16.02 14.46
N ASP A 175 19.41 15.36 15.58
CA ASP A 175 18.61 14.19 15.98
C ASP A 175 17.16 14.55 16.21
N GLU A 176 16.85 15.83 16.45
CA GLU A 176 15.46 16.27 16.53
C GLU A 176 14.80 16.33 15.17
N VAL A 177 15.58 16.60 14.11
CA VAL A 177 15.05 16.51 12.76
C VAL A 177 14.65 15.08 12.43
N ASP A 178 15.46 14.11 12.87
CA ASP A 178 15.12 12.71 12.67
C ASP A 178 13.85 12.34 13.43
N ILE A 179 13.74 12.79 14.69
CA ILE A 179 12.57 12.47 15.50
C ILE A 179 11.30 13.03 14.86
N LYS A 180 11.36 14.28 14.39
CA LYS A 180 10.18 14.89 13.79
C LYS A 180 9.73 14.16 12.54
N SER A 181 10.69 13.72 11.72
CA SER A 181 10.33 13.06 10.47
C SER A 181 9.93 11.60 10.68
N ARG A 182 10.46 10.95 11.72
CA ARG A 182 10.02 9.59 12.00
C ARG A 182 8.66 9.54 12.67
N ALA A 183 8.10 10.69 13.05
CA ALA A 183 6.76 10.77 13.62
C ALA A 183 5.76 11.47 12.71
N ALA A 184 6.17 11.88 11.51
CA ALA A 184 5.30 12.66 10.61
C ALA A 184 4.41 11.73 9.81
N TYR A 185 3.43 11.14 10.50
CA TYR A 185 2.50 10.22 9.87
C TYR A 185 1.77 10.90 8.72
N ASN A 186 1.74 10.24 7.57
CA ASN A 186 1.07 10.78 6.39
C ASN A 186 -0.14 9.98 5.96
N VAL A 187 -0.35 8.79 6.52
CA VAL A 187 -1.51 7.96 6.24
C VAL A 187 -1.94 7.25 7.52
N THR A 188 -3.16 6.72 7.49
CA THR A 188 -3.60 5.74 8.47
C THR A 188 -4.37 4.65 7.75
N LEU A 189 -4.10 3.41 8.12
CA LEU A 189 -4.79 2.26 7.56
C LEU A 189 -5.80 1.77 8.59
N LEU A 190 -7.09 1.98 8.31
CA LEU A 190 -8.15 1.53 9.20
C LEU A 190 -8.45 0.05 9.00
N ASN A 191 -8.91 -0.60 10.07
CA ASN A 191 -9.08 -2.03 10.08
C ASN A 191 -10.37 -2.41 10.80
N PHE A 192 -11.00 -3.48 10.32
CA PHE A 192 -12.16 -4.06 10.99
C PHE A 192 -12.19 -5.55 10.77
N MET A 193 -12.54 -6.30 11.82
CA MET A 193 -12.81 -7.72 11.68
C MET A 193 -13.82 -8.15 12.72
N ASP A 194 -14.84 -8.89 12.27
CA ASP A 194 -15.76 -9.56 13.18
C ASP A 194 -15.32 -11.01 13.28
N PRO A 195 -14.75 -11.45 14.41
CA PRO A 195 -14.30 -12.84 14.49
C PRO A 195 -15.44 -13.86 14.51
N GLN A 196 -16.65 -13.45 14.88
CA GLN A 196 -17.79 -14.36 14.84
C GLN A 196 -18.14 -14.74 13.41
N LYS A 197 -17.73 -13.95 12.42
CA LYS A 197 -18.00 -14.25 11.03
C LYS A 197 -16.97 -15.18 10.39
N MET A 198 -15.86 -15.54 11.09
CA MET A 198 -14.89 -16.43 10.46
C MET A 198 -15.16 -17.87 10.88
N PRO A 199 -15.17 -18.84 9.97
CA PRO A 199 -15.48 -20.22 10.40
C PRO A 199 -14.36 -20.83 11.23
N TYR A 200 -13.10 -20.48 10.96
CA TYR A 200 -11.97 -21.07 11.68
C TYR A 200 -10.77 -20.14 11.55
N LEU A 201 -10.18 -19.74 12.67
CA LEU A 201 -9.04 -18.85 12.66
C LEU A 201 -7.76 -19.63 12.93
N LYS A 202 -6.66 -19.16 12.35
CA LYS A 202 -5.38 -19.82 12.57
C LYS A 202 -4.98 -19.71 14.04
N GLU A 203 -4.49 -20.81 14.60
CA GLU A 203 -3.84 -20.74 15.89
C GLU A 203 -2.46 -20.11 15.73
N GLU A 204 -2.06 -19.30 16.70
CA GLU A 204 -0.71 -18.78 16.72
C GLU A 204 0.24 -19.97 16.84
N PRO A 205 1.19 -20.12 15.91
CA PRO A 205 1.91 -21.40 15.80
C PRO A 205 3.14 -21.58 16.69
N TYR A 206 3.60 -20.54 17.40
CA TYR A 206 4.89 -20.64 18.07
C TYR A 206 4.83 -20.62 19.59
N PHE A 207 3.93 -19.83 20.18
CA PHE A 207 3.96 -19.59 21.63
C PHE A 207 2.63 -19.91 22.31
N GLY A 208 1.69 -20.55 21.62
CA GLY A 208 0.41 -20.87 22.22
C GLY A 208 -0.45 -19.66 22.53
N MET A 209 -0.33 -18.59 21.76
CA MET A 209 -1.10 -17.38 21.99
C MET A 209 -2.57 -17.51 21.58
N GLY A 210 -2.97 -18.66 21.05
CA GLY A 210 -4.35 -18.85 20.66
C GLY A 210 -4.66 -18.32 19.28
N LYS A 211 -5.89 -17.86 19.08
CA LYS A 211 -6.39 -17.54 17.76
C LYS A 211 -5.79 -16.24 17.24
N MET A 212 -5.32 -16.27 15.99
CA MET A 212 -4.78 -15.09 15.33
C MET A 212 -5.84 -14.48 14.43
N ALA A 213 -5.93 -13.16 14.45
CA ALA A 213 -6.68 -12.45 13.42
C ALA A 213 -5.76 -12.09 12.26
N VAL A 214 -4.56 -11.59 12.57
CA VAL A 214 -3.54 -11.26 11.58
C VAL A 214 -2.24 -11.95 11.98
N SER A 215 -1.59 -12.60 11.01
CA SER A 215 -0.41 -13.40 11.27
C SER A 215 0.82 -12.52 11.51
N TRP A 216 1.87 -13.16 12.05
CA TRP A 216 3.16 -12.52 12.27
C TRP A 216 3.67 -11.85 10.99
N HIS A 217 4.05 -10.59 11.09
CA HIS A 217 4.55 -9.84 9.94
C HIS A 217 5.23 -8.58 10.42
N HIS A 218 5.93 -7.91 9.49
CA HIS A 218 6.38 -6.52 9.64
C HIS A 218 5.48 -5.61 8.82
N ASP A 219 5.38 -4.35 9.26
CA ASP A 219 4.79 -3.32 8.42
C ASP A 219 5.83 -2.83 7.42
N GLU A 220 5.61 -3.08 6.14
CA GLU A 220 6.63 -2.83 5.14
C GLU A 220 6.43 -1.47 4.47
N ASN A 221 7.48 -1.06 3.74
CA ASN A 221 7.51 0.18 2.96
C ASN A 221 7.17 1.40 3.81
N LEU A 222 7.74 1.44 5.00
CA LEU A 222 7.73 2.65 5.82
C LEU A 222 9.09 3.33 5.71
N VAL A 223 9.12 4.63 6.01
CA VAL A 223 10.39 5.31 6.17
C VAL A 223 11.22 4.57 7.22
N ASP A 224 12.52 4.47 6.96
CA ASP A 224 13.40 3.71 7.83
C ASP A 224 13.33 4.22 9.28
N ARG A 225 13.17 3.28 10.22
CA ARG A 225 13.11 3.58 11.65
C ARG A 225 12.02 4.59 12.00
N SER A 226 10.98 4.66 11.18
CA SER A 226 9.85 5.52 11.51
C SER A 226 8.89 4.78 12.44
N ALA A 227 8.23 5.54 13.29
CA ALA A 227 7.36 4.97 14.30
C ALA A 227 6.02 4.57 13.68
N VAL A 228 5.27 3.76 14.43
CA VAL A 228 3.91 3.37 14.07
C VAL A 228 3.04 3.55 15.31
N ALA A 229 1.89 4.20 15.16
CA ALA A 229 0.96 4.44 16.25
C ALA A 229 -0.39 3.80 15.91
N VAL A 230 -0.92 3.00 16.84
CA VAL A 230 -2.16 2.26 16.61
C VAL A 230 -3.19 2.63 17.66
N TYR A 231 -4.37 3.05 17.21
CA TYR A 231 -5.51 3.25 18.08
C TYR A 231 -6.40 2.00 17.98
N SER A 232 -6.66 1.37 19.12
CA SER A 232 -7.39 0.11 19.14
C SER A 232 -8.77 0.33 19.74
N TYR A 233 -9.80 -0.14 19.04
CA TYR A 233 -11.20 0.05 19.44
C TYR A 233 -11.89 -1.31 19.42
N SER A 234 -11.90 -1.99 20.56
CA SER A 234 -12.74 -3.18 20.73
C SER A 234 -14.17 -2.73 20.99
N CYS A 235 -15.11 -3.36 20.28
CA CYS A 235 -16.50 -2.91 20.34
C CYS A 235 -17.13 -3.16 21.71
N GLU A 236 -16.70 -4.20 22.40
CA GLU A 236 -17.22 -4.50 23.74
C GLU A 236 -16.27 -5.41 24.51
N GLY A 250 -2.31 -18.83 30.39
CA GLY A 250 -2.37 -18.34 29.02
C GLY A 250 -3.24 -17.10 28.86
N ARG A 251 -3.16 -16.46 27.70
CA ARG A 251 -3.87 -15.21 27.48
C ARG A 251 -5.38 -15.45 27.40
N ASP A 252 -6.14 -14.40 27.73
CA ASP A 252 -7.60 -14.45 27.71
C ASP A 252 -8.11 -14.50 26.27
N PRO A 253 -8.92 -15.51 25.90
CA PRO A 253 -9.36 -15.59 24.50
C PRO A 253 -10.35 -14.52 24.09
N ASP A 254 -11.13 -13.97 25.01
CA ASP A 254 -12.18 -13.01 24.66
C ASP A 254 -11.65 -11.61 24.41
N ILE A 255 -10.47 -11.27 24.93
CA ILE A 255 -9.91 -9.93 24.83
C ILE A 255 -8.91 -9.89 23.68
N TRP A 256 -8.90 -8.80 22.92
CA TRP A 256 -7.96 -8.66 21.83
C TRP A 256 -6.57 -8.37 22.36
N HIS A 257 -5.57 -8.93 21.68
CA HIS A 257 -4.17 -8.74 22.03
C HIS A 257 -3.38 -8.40 20.77
N VAL A 258 -2.32 -7.63 20.96
CA VAL A 258 -1.26 -7.51 19.98
C VAL A 258 -0.08 -8.34 20.48
N GLY A 259 0.47 -9.17 19.60
CA GLY A 259 1.59 -10.02 19.94
C GLY A 259 2.89 -9.50 19.34
N PHE A 260 4.00 -9.81 20.01
CA PHE A 260 5.31 -9.38 19.56
C PHE A 260 6.32 -10.51 19.75
N LYS A 261 7.25 -10.62 18.82
CA LYS A 261 8.33 -11.59 18.88
C LYS A 261 9.54 -10.98 18.18
N ILE A 262 10.71 -11.49 18.52
CA ILE A 262 11.92 -11.11 17.81
C ILE A 262 11.95 -11.84 16.47
N SER A 263 12.36 -11.14 15.42
CA SER A 263 12.55 -11.80 14.13
C SER A 263 13.50 -12.98 14.30
N TRP A 264 13.21 -14.06 13.57
CA TRP A 264 13.99 -15.30 13.49
C TRP A 264 13.87 -16.15 14.74
N ASP A 265 13.21 -15.68 15.79
CA ASP A 265 13.36 -16.24 17.12
C ASP A 265 11.99 -16.67 17.65
N ILE A 266 11.87 -17.97 17.89
CA ILE A 266 10.69 -18.54 18.55
C ILE A 266 11.06 -19.19 19.88
N GLU A 267 12.31 -19.07 20.31
CA GLU A 267 12.75 -19.57 21.61
C GLU A 267 12.54 -18.54 22.71
N THR A 268 12.87 -17.28 22.45
CA THR A 268 12.52 -16.21 23.37
C THR A 268 11.00 -16.09 23.46
N PRO A 269 10.40 -16.21 24.64
CA PRO A 269 8.94 -16.08 24.74
C PRO A 269 8.47 -14.73 24.22
N GLY A 270 7.32 -14.74 23.54
CA GLY A 270 6.78 -13.54 22.93
C GLY A 270 5.77 -12.85 23.82
N LEU A 271 5.62 -11.54 23.62
CA LEU A 271 4.70 -10.74 24.41
C LEU A 271 3.32 -10.69 23.76
N ALA A 272 2.29 -10.83 24.60
CA ALA A 272 0.90 -10.62 24.20
C ALA A 272 0.33 -9.51 25.08
N ILE A 273 0.08 -8.36 24.48
CA ILE A 273 -0.36 -7.18 25.22
C ILE A 273 -1.87 -7.04 25.05
N PRO A 274 -2.65 -7.03 26.12
CA PRO A 274 -4.09 -6.81 25.97
C PRO A 274 -4.39 -5.40 25.53
N LEU A 275 -5.45 -5.26 24.73
CA LEU A 275 -5.88 -3.96 24.21
C LEU A 275 -7.35 -3.80 24.53
N HIS A 276 -7.65 -2.89 25.45
CA HIS A 276 -9.03 -2.57 25.78
C HIS A 276 -9.50 -1.44 24.88
N GLN A 277 -10.76 -1.05 25.03
CA GLN A 277 -11.35 -0.03 24.17
C GLN A 277 -10.61 1.29 24.33
N GLY A 278 -10.08 1.81 23.22
CA GLY A 278 -9.40 3.09 23.24
C GLY A 278 -7.96 3.06 23.68
N ASP A 279 -7.35 1.88 23.78
CA ASP A 279 -5.93 1.78 24.08
C ASP A 279 -5.10 2.08 22.83
N CYS A 280 -3.93 2.68 23.05
CA CYS A 280 -3.00 3.03 21.98
C CYS A 280 -1.63 2.44 22.27
N TYR A 281 -1.01 1.89 21.23
CA TYR A 281 0.37 1.42 21.36
C TYR A 281 1.22 1.99 20.23
N PHE A 282 2.52 2.07 20.48
CA PHE A 282 3.46 2.74 19.60
C PHE A 282 4.65 1.82 19.38
N MET A 283 5.06 1.65 18.14
CA MET A 283 6.22 0.88 17.84
C MET A 283 7.21 1.95 17.50
N LEU A 284 8.32 2.01 18.20
CA LEU A 284 9.28 3.06 17.97
C LEU A 284 10.60 2.63 17.40
N ASP A 285 11.19 3.52 16.64
CA ASP A 285 12.49 3.30 16.08
C ASP A 285 12.57 2.08 15.18
N ASP A 286 13.47 1.19 15.46
CA ASP A 286 13.66 0.01 14.67
C ASP A 286 12.86 -1.19 15.16
N LEU A 287 11.91 -0.96 16.05
CA LEU A 287 11.14 -2.08 16.59
C LEU A 287 10.42 -2.84 15.47
N ASN A 288 9.77 -2.11 14.57
CA ASN A 288 9.04 -2.74 13.47
C ASN A 288 9.97 -3.55 12.56
N ALA A 289 11.25 -3.17 12.49
CA ALA A 289 12.18 -3.91 11.65
C ALA A 289 12.76 -5.12 12.37
N THR A 290 13.04 -4.99 13.67
CA THR A 290 13.69 -6.07 14.41
C THR A 290 12.69 -7.07 14.98
N HIS A 291 11.42 -6.72 15.00
CA HIS A 291 10.41 -7.56 15.63
C HIS A 291 9.25 -7.78 14.68
N GLN A 292 8.60 -8.92 14.82
CA GLN A 292 7.34 -9.18 14.15
C GLN A 292 6.20 -8.93 15.12
N HIS A 293 5.04 -8.58 14.58
CA HIS A 293 3.86 -8.48 15.40
C HIS A 293 2.68 -9.17 14.73
N CYS A 294 1.70 -9.53 15.53
CA CYS A 294 0.49 -10.16 15.05
C CYS A 294 -0.69 -9.61 15.85
N VAL A 295 -1.89 -9.99 15.44
CA VAL A 295 -3.11 -9.59 16.13
C VAL A 295 -3.84 -10.85 16.54
N LEU A 296 -4.09 -10.97 17.84
CA LEU A 296 -4.77 -12.14 18.38
C LEU A 296 -6.21 -11.78 18.65
N ALA A 297 -7.12 -12.60 18.12
CA ALA A 297 -8.53 -12.26 18.10
C ALA A 297 -9.15 -12.37 19.48
N GLY A 298 -10.07 -11.45 19.76
CA GLY A 298 -10.97 -11.57 20.89
C GLY A 298 -12.33 -12.09 20.47
N SER A 299 -13.30 -11.93 21.36
CA SER A 299 -14.64 -12.41 21.08
C SER A 299 -15.49 -11.39 20.32
N GLN A 300 -15.29 -10.10 20.60
CA GLN A 300 -16.07 -9.04 19.98
C GLN A 300 -15.39 -8.55 18.71
N PRO A 301 -16.10 -7.83 17.85
CA PRO A 301 -15.45 -7.13 16.74
C PRO A 301 -14.52 -6.05 17.25
N ARG A 302 -13.63 -5.59 16.37
CA ARG A 302 -12.66 -4.56 16.75
C ARG A 302 -12.30 -3.72 15.54
N PHE A 303 -12.19 -2.41 15.75
CA PHE A 303 -11.57 -1.49 14.82
C PHE A 303 -10.16 -1.15 15.29
N SER A 304 -9.31 -0.74 14.34
CA SER A 304 -8.02 -0.18 14.68
C SER A 304 -7.64 0.86 13.63
N SER A 305 -6.79 1.79 14.04
CA SER A 305 -6.26 2.84 13.17
C SER A 305 -4.75 2.84 13.32
N THR A 306 -4.04 2.43 12.26
CA THR A 306 -2.59 2.29 12.30
C THR A 306 -1.96 3.44 11.51
N HIS A 307 -1.36 4.39 12.22
CA HIS A 307 -0.78 5.58 11.61
C HIS A 307 0.69 5.35 11.29
N ARG A 308 1.09 5.69 10.06
CA ARG A 308 2.38 5.30 9.52
C ARG A 308 3.01 6.46 8.75
N VAL A 309 4.34 6.39 8.62
CA VAL A 309 5.07 7.28 7.74
C VAL A 309 5.42 6.45 6.51
N ALA A 310 4.49 6.39 5.56
CA ALA A 310 4.71 5.65 4.34
C ALA A 310 5.86 6.26 3.56
N GLU A 311 6.76 5.40 3.09
CA GLU A 311 7.86 5.81 2.21
C GLU A 311 7.28 6.02 0.81
N CYS A 312 6.96 7.26 0.47
CA CYS A 312 6.24 7.55 -0.77
C CYS A 312 7.07 8.34 -1.77
N SER A 313 8.38 8.11 -1.82
CA SER A 313 9.22 8.82 -2.77
C SER A 313 8.89 8.46 -4.22
N THR A 314 8.36 7.26 -4.46
CA THR A 314 7.86 6.87 -5.78
C THR A 314 6.38 6.52 -5.72
N GLY A 315 5.64 7.15 -4.81
CA GLY A 315 4.28 6.75 -4.55
C GLY A 315 3.31 7.88 -4.28
N THR A 316 3.57 9.06 -4.84
CA THR A 316 2.60 10.15 -4.82
C THR A 316 2.21 10.50 -6.24
N LEU A 317 1.03 11.13 -6.36
CA LEU A 317 0.56 11.57 -7.67
C LEU A 317 1.54 12.55 -8.31
N ASP A 318 2.02 13.52 -7.53
CA ASP A 318 3.00 14.47 -8.04
C ASP A 318 4.20 13.77 -8.63
N TYR A 319 4.72 12.75 -7.93
CA TYR A 319 5.88 12.03 -8.42
C TYR A 319 5.60 11.39 -9.79
N ILE A 320 4.48 10.65 -9.90
CA ILE A 320 4.25 9.90 -11.13
C ILE A 320 3.85 10.83 -12.27
N LEU A 321 3.22 11.96 -11.97
CA LEU A 321 2.93 12.94 -13.03
C LEU A 321 4.21 13.51 -13.60
N GLN A 322 5.19 13.81 -12.74
CA GLN A 322 6.45 14.34 -13.22
C GLN A 322 7.23 13.29 -14.00
N ARG A 323 7.16 12.03 -13.61
CA ARG A 323 7.74 10.96 -14.42
C ARG A 323 7.10 10.93 -15.81
N CYS A 324 5.79 11.15 -15.88
CA CYS A 324 5.11 11.17 -17.17
C CYS A 324 5.54 12.36 -18.01
N GLN A 325 5.65 13.55 -17.39
CA GLN A 325 6.14 14.72 -18.11
C GLN A 325 7.56 14.50 -18.60
N LEU A 326 8.35 13.75 -17.86
CA LEU A 326 9.72 13.45 -18.27
C LEU A 326 9.74 12.55 -19.51
N ALA A 327 8.86 11.54 -19.57
CA ALA A 327 8.81 10.67 -20.73
C ALA A 327 8.36 11.43 -21.97
N LEU A 328 7.40 12.33 -21.81
CA LEU A 328 6.84 13.06 -22.94
C LEU A 328 7.74 14.20 -23.42
N GLN A 329 8.84 14.45 -22.72
CA GLN A 329 9.83 15.40 -23.24
C GLN A 329 10.45 14.92 -24.55
N ASN A 330 10.41 13.62 -24.83
CA ASN A 330 10.91 13.08 -26.09
C ASN A 330 9.86 13.10 -27.20
N VAL A 331 8.74 13.80 -27.00
CA VAL A 331 7.62 13.81 -27.94
C VAL A 331 7.36 15.23 -28.39
N CYS A 332 7.18 15.41 -29.71
CA CYS A 332 6.72 16.69 -30.24
C CYS A 332 5.32 16.99 -29.74
N ASP A 333 5.16 18.13 -29.06
CA ASP A 333 3.98 18.36 -28.21
C ASP A 333 3.19 19.60 -28.61
N ASP A 334 3.16 19.92 -29.90
CA ASP A 334 2.32 21.04 -30.34
C ASP A 334 0.84 20.69 -30.25
N VAL A 335 0.49 19.46 -30.58
CA VAL A 335 -0.91 19.06 -30.72
C VAL A 335 -1.04 17.61 -30.29
N ASP A 336 -2.17 17.29 -29.66
CA ASP A 336 -2.46 15.94 -29.18
C ASP A 336 -3.28 15.22 -30.24
N ASN A 337 -2.62 14.41 -31.06
CA ASN A 337 -3.29 13.62 -32.09
C ASN A 337 -2.64 12.24 -32.13
N ASP A 338 -2.85 11.52 -33.24
CA ASP A 338 -2.44 10.13 -33.35
C ASP A 338 -1.04 9.94 -33.94
N ASP A 339 -0.46 10.96 -34.56
CA ASP A 339 0.86 10.84 -35.17
C ASP A 339 1.90 11.34 -34.17
N VAL A 340 2.36 10.44 -33.31
CA VAL A 340 3.39 10.75 -32.33
C VAL A 340 4.74 10.70 -33.03
N SER A 341 5.50 11.79 -32.95
CA SER A 341 6.84 11.86 -33.51
C SER A 341 7.81 12.17 -32.40
N LEU A 342 8.90 11.43 -32.34
CA LEU A 342 9.89 11.53 -31.28
C LEU A 342 11.05 12.41 -31.71
N LYS A 343 11.67 13.07 -30.73
CA LYS A 343 12.79 13.95 -31.00
C LYS A 343 14.12 13.22 -31.04
N SER A 344 14.30 12.21 -30.19
CA SER A 344 15.53 11.46 -30.13
C SER A 344 15.24 9.97 -30.17
N PHE A 345 16.16 9.22 -30.78
CA PHE A 345 16.17 7.78 -30.68
C PHE A 345 17.43 7.28 -29.96
N GLU A 346 18.07 8.16 -29.19
CA GLU A 346 19.19 7.74 -28.35
C GLU A 346 18.72 6.63 -27.42
N PRO A 347 19.46 5.52 -27.32
CA PRO A 347 18.91 4.35 -26.62
C PRO A 347 18.52 4.60 -25.18
N ALA A 348 19.27 5.45 -24.51
CA ALA A 348 18.98 5.77 -23.13
C ALA A 348 17.64 6.45 -22.96
N VAL A 349 17.32 7.36 -23.87
CA VAL A 349 16.06 8.06 -23.79
C VAL A 349 14.87 7.15 -24.00
N LEU A 350 14.98 6.25 -24.96
CA LEU A 350 13.92 5.31 -25.24
C LEU A 350 13.73 4.34 -24.12
N LYS A 351 14.82 3.91 -23.51
CA LYS A 351 14.76 3.00 -22.40
C LYS A 351 14.01 3.65 -21.28
N GLN A 352 14.32 4.90 -21.00
CA GLN A 352 13.66 5.64 -19.94
C GLN A 352 12.18 5.83 -20.24
N GLY A 353 11.84 6.07 -21.52
CA GLY A 353 10.44 6.22 -21.88
C GLY A 353 9.64 4.95 -21.65
N GLU A 354 10.15 3.82 -22.13
CA GLU A 354 9.43 2.56 -21.95
C GLU A 354 9.37 2.14 -20.48
N GLU A 355 10.35 2.55 -19.67
CA GLU A 355 10.30 2.22 -18.24
C GLU A 355 9.23 3.04 -17.52
N ILE A 356 9.10 4.33 -17.89
CA ILE A 356 8.04 5.15 -17.31
C ILE A 356 6.68 4.66 -17.79
N HIS A 357 6.59 4.27 -19.07
CA HIS A 357 5.40 3.63 -19.62
C HIS A 357 4.94 2.46 -18.74
N ASN A 358 5.88 1.61 -18.32
CA ASN A 358 5.51 0.46 -17.48
C ASN A 358 5.12 0.90 -16.07
N GLU A 359 5.77 1.93 -15.54
CA GLU A 359 5.48 2.33 -14.16
C GLU A 359 4.06 2.89 -14.04
N VAL A 360 3.67 3.79 -14.93
CA VAL A 360 2.33 4.37 -14.85
C VAL A 360 1.26 3.30 -15.10
N GLU A 361 1.52 2.38 -16.03
CA GLU A 361 0.53 1.37 -16.37
C GLU A 361 0.31 0.39 -15.22
N PHE A 362 1.39 -0.21 -14.70
CA PHE A 362 1.26 -1.31 -13.75
C PHE A 362 1.25 -0.85 -12.30
N GLU A 363 2.09 0.12 -11.94
CA GLU A 363 2.09 0.57 -10.56
C GLU A 363 0.93 1.50 -10.24
N TRP A 364 0.25 2.05 -11.25
CA TRP A 364 -0.79 3.03 -10.99
C TRP A 364 -2.13 2.65 -11.60
N LEU A 365 -2.20 2.53 -12.93
CA LEU A 365 -3.48 2.31 -13.60
C LEU A 365 -4.05 0.93 -13.26
N ARG A 366 -3.28 -0.13 -13.46
CA ARG A 366 -3.81 -1.46 -13.18
C ARG A 366 -4.02 -1.70 -11.70
N GLN A 367 -3.17 -1.12 -10.85
CA GLN A 367 -3.40 -1.20 -9.41
C GLN A 367 -4.72 -0.54 -9.03
N PHE A 368 -4.98 0.65 -9.59
CA PHE A 368 -6.17 1.40 -9.23
C PHE A 368 -7.44 0.67 -9.66
N TRP A 369 -7.51 0.25 -10.92
CA TRP A 369 -8.74 -0.36 -11.40
C TRP A 369 -8.90 -1.80 -10.96
N PHE A 370 -7.82 -2.45 -10.51
CA PHE A 370 -7.96 -3.78 -9.91
C PHE A 370 -8.86 -3.74 -8.69
N GLN A 371 -8.95 -2.59 -8.02
CA GLN A 371 -9.85 -2.41 -6.90
C GLN A 371 -11.25 -1.97 -7.33
N GLY A 372 -11.54 -2.03 -8.63
CA GLY A 372 -12.89 -1.85 -9.15
C GLY A 372 -13.60 -0.59 -8.73
N ASN A 373 -12.87 0.53 -8.63
CA ASN A 373 -13.43 1.82 -8.23
C ASN A 373 -14.15 1.73 -6.89
N ARG A 374 -13.48 1.09 -5.94
CA ARG A 374 -13.98 1.04 -4.57
C ARG A 374 -13.85 2.38 -3.86
N TYR A 375 -13.02 3.28 -4.38
CA TYR A 375 -12.91 4.61 -3.80
C TYR A 375 -14.13 5.47 -4.09
N ARG A 376 -14.96 5.07 -5.06
CA ARG A 376 -16.16 5.83 -5.38
C ARG A 376 -17.07 5.97 -4.17
N LYS A 377 -17.22 4.91 -3.39
CA LYS A 377 -18.03 4.91 -2.17
C LYS A 377 -17.49 5.84 -1.08
N CYS A 378 -16.44 6.61 -1.34
CA CYS A 378 -15.88 7.51 -0.34
C CYS A 378 -15.49 8.85 -0.96
N THR A 379 -14.79 8.81 -2.09
CA THR A 379 -14.24 10.03 -2.66
C THR A 379 -14.21 9.95 -4.18
N ASP A 380 -14.24 11.13 -4.80
CA ASP A 380 -14.03 11.30 -6.23
C ASP A 380 -12.61 11.75 -6.54
N TRP A 381 -11.75 11.81 -5.52
CA TRP A 381 -10.51 12.56 -5.62
C TRP A 381 -9.61 12.04 -6.75
N TRP A 382 -9.61 10.73 -6.96
CA TRP A 382 -8.70 10.11 -7.92
C TRP A 382 -9.28 10.00 -9.32
N CYS A 383 -10.55 10.34 -9.52
CA CYS A 383 -11.18 10.13 -10.82
C CYS A 383 -10.51 10.95 -11.91
N GLN A 384 -10.33 12.26 -11.68
CA GLN A 384 -9.63 13.07 -12.67
C GLN A 384 -8.14 12.69 -12.74
N PRO A 385 -7.42 12.52 -11.63
CA PRO A 385 -6.04 12.03 -11.75
C PRO A 385 -5.92 10.74 -12.54
N MET A 386 -6.83 9.79 -12.32
CA MET A 386 -6.72 8.50 -13.00
C MET A 386 -7.05 8.60 -14.47
N ALA A 387 -7.96 9.50 -14.86
CA ALA A 387 -8.23 9.68 -16.27
C ALA A 387 -7.07 10.38 -16.97
N GLN A 388 -6.37 11.26 -16.27
CA GLN A 388 -5.24 11.95 -16.88
C GLN A 388 -4.03 11.04 -17.04
N LEU A 389 -3.74 10.23 -16.02
CA LEU A 389 -2.66 9.25 -16.15
C LEU A 389 -2.93 8.29 -17.30
N GLU A 390 -4.20 7.93 -17.51
CA GLU A 390 -4.52 7.03 -18.62
C GLU A 390 -4.34 7.72 -19.96
N ALA A 391 -4.65 9.01 -20.03
CA ALA A 391 -4.42 9.76 -21.26
C ALA A 391 -2.94 9.94 -21.53
N LEU A 392 -2.13 10.10 -20.47
CA LEU A 392 -0.68 10.15 -20.67
C LEU A 392 -0.14 8.78 -21.06
N TRP A 393 -0.62 7.72 -20.41
CA TRP A 393 -0.26 6.36 -20.82
C TRP A 393 -0.65 6.09 -22.27
N LYS A 394 -1.81 6.61 -22.70
CA LYS A 394 -2.21 6.41 -24.10
C LYS A 394 -1.23 7.05 -25.07
N LYS A 395 -0.76 8.26 -24.75
CA LYS A 395 0.26 8.90 -25.57
C LYS A 395 1.53 8.05 -25.63
N MET A 396 1.88 7.42 -24.51
CA MET A 396 3.06 6.57 -24.49
C MET A 396 2.89 5.29 -25.30
N GLU A 397 1.65 4.77 -25.37
CA GLU A 397 1.39 3.69 -26.31
C GLU A 397 1.75 4.13 -27.73
N GLY A 398 1.38 5.37 -28.10
CA GLY A 398 1.81 5.91 -29.37
C GLY A 398 3.31 6.11 -29.47
N VAL A 399 3.97 6.33 -28.34
CA VAL A 399 5.43 6.42 -28.34
C VAL A 399 6.05 5.07 -28.69
N THR A 400 5.58 4.03 -28.04
CA THR A 400 6.09 2.72 -28.29
C THR A 400 5.86 2.37 -29.73
N ASN A 401 4.71 2.73 -30.25
CA ASN A 401 4.41 2.45 -31.63
C ASN A 401 5.37 3.16 -32.54
N ALA A 402 5.67 4.41 -32.24
CA ALA A 402 6.57 5.16 -33.04
C ALA A 402 7.94 4.54 -33.04
N VAL A 403 8.38 4.07 -31.90
CA VAL A 403 9.69 3.48 -31.81
C VAL A 403 9.71 2.24 -32.64
N LEU A 404 8.63 1.49 -32.63
CA LEU A 404 8.58 0.27 -33.38
C LEU A 404 8.74 0.58 -34.86
N HIS A 405 8.14 1.65 -35.33
CA HIS A 405 8.28 2.03 -36.72
C HIS A 405 9.69 2.38 -37.09
N GLU A 406 10.37 3.12 -36.24
CA GLU A 406 11.74 3.49 -36.53
C GLU A 406 12.62 2.25 -36.66
N VAL A 407 12.38 1.22 -35.85
CA VAL A 407 13.19 0.00 -35.98
C VAL A 407 12.95 -0.68 -37.31
N LYS A 408 11.82 -0.41 -37.97
CA LYS A 408 11.48 -1.00 -39.25
C LYS A 408 11.82 -0.12 -40.44
N ARG A 409 12.39 1.07 -40.21
CA ARG A 409 12.59 2.04 -41.27
C ARG A 409 13.77 1.63 -42.14
N GLU A 410 13.53 1.47 -43.44
CA GLU A 410 14.60 1.20 -44.39
C GLU A 410 15.55 2.39 -44.41
N GLY A 411 16.86 2.10 -44.32
CA GLY A 411 17.85 3.14 -44.19
C GLY A 411 18.33 3.37 -42.77
N LEU A 412 17.86 2.57 -41.81
CA LEU A 412 18.40 2.61 -40.45
C LEU A 412 19.53 1.60 -40.36
N PRO A 413 20.78 2.03 -40.22
CA PRO A 413 21.88 1.07 -40.11
C PRO A 413 21.67 0.14 -38.92
N VAL A 414 21.91 -1.16 -39.16
CA VAL A 414 21.46 -2.20 -38.24
C VAL A 414 22.06 -2.03 -36.86
N GLU A 415 23.24 -1.42 -36.76
CA GLU A 415 23.85 -1.24 -35.43
C GLU A 415 23.21 -0.09 -34.67
N GLN A 416 22.67 0.91 -35.38
CA GLN A 416 21.77 1.84 -34.72
C GLN A 416 20.46 1.15 -34.34
N ARG A 417 20.04 0.18 -35.15
CA ARG A 417 18.84 -0.59 -34.82
C ARG A 417 19.06 -1.49 -33.62
N ASN A 418 20.21 -2.19 -33.59
CA ASN A 418 20.49 -3.11 -32.49
C ASN A 418 20.66 -2.37 -31.16
N GLU A 419 21.21 -1.16 -31.20
CA GLU A 419 21.28 -0.36 -29.97
C GLU A 419 19.89 -0.01 -29.47
N ILE A 420 18.95 0.21 -30.39
CA ILE A 420 17.57 0.51 -30.01
C ILE A 420 16.90 -0.73 -29.41
N LEU A 421 17.12 -1.89 -30.03
CA LEU A 421 16.51 -3.11 -29.53
C LEU A 421 17.06 -3.45 -28.15
N THR A 422 18.37 -3.33 -27.95
CA THR A 422 18.98 -3.65 -26.67
C THR A 422 18.47 -2.75 -25.55
N ALA A 423 17.96 -1.57 -25.88
CA ALA A 423 17.53 -0.62 -24.86
C ALA A 423 16.07 -0.76 -24.46
N ILE A 424 15.23 -1.32 -25.32
CA ILE A 424 13.79 -1.36 -25.07
C ILE A 424 13.26 -2.76 -24.81
N LEU A 425 13.98 -3.82 -25.17
CA LEU A 425 13.38 -5.15 -25.16
C LEU A 425 13.07 -5.62 -23.75
N ALA A 426 13.94 -5.30 -22.78
CA ALA A 426 13.66 -5.67 -21.39
C ALA A 426 12.35 -5.05 -20.91
N SER A 427 12.08 -3.80 -21.34
CA SER A 427 10.86 -3.11 -20.89
C SER A 427 9.62 -3.74 -21.50
N LEU A 428 9.66 -4.11 -22.78
CA LEU A 428 8.50 -4.70 -23.43
C LEU A 428 8.34 -6.17 -23.04
N THR A 429 9.45 -6.87 -22.77
CA THR A 429 9.37 -8.20 -22.18
C THR A 429 8.68 -8.14 -20.82
N ALA A 430 9.07 -7.17 -19.99
CA ALA A 430 8.40 -6.98 -18.70
C ALA A 430 6.96 -6.54 -18.89
N ARG A 431 6.68 -5.76 -19.92
CA ARG A 431 5.32 -5.26 -20.14
C ARG A 431 4.35 -6.40 -20.45
N GLN A 432 4.80 -7.41 -21.21
CA GLN A 432 3.91 -8.51 -21.55
C GLN A 432 3.76 -9.50 -20.41
N ASN A 433 4.87 -9.80 -19.71
CA ASN A 433 4.80 -10.71 -18.58
C ASN A 433 3.90 -10.16 -17.48
N LEU A 434 4.00 -8.86 -17.18
CA LEU A 434 3.16 -8.26 -16.16
C LEU A 434 1.72 -8.12 -16.61
N ARG A 435 1.49 -7.98 -17.93
CA ARG A 435 0.13 -7.91 -18.42
C ARG A 435 -0.57 -9.26 -18.31
N ARG A 436 0.17 -10.35 -18.47
CA ARG A 436 -0.44 -11.67 -18.32
C ARG A 436 -0.80 -11.94 -16.86
N GLU A 437 0.08 -11.56 -15.94
CA GLU A 437 -0.21 -11.76 -14.52
C GLU A 437 -1.34 -10.87 -14.04
N TRP A 438 -1.43 -9.65 -14.56
CA TRP A 438 -2.54 -8.77 -14.17
C TRP A 438 -3.87 -9.25 -14.76
N HIS A 439 -3.84 -9.77 -16.00
CA HIS A 439 -5.07 -10.29 -16.59
C HIS A 439 -5.52 -11.55 -15.87
N ALA A 440 -4.58 -12.41 -15.49
CA ALA A 440 -4.92 -13.59 -14.70
C ALA A 440 -5.41 -13.20 -13.31
N ARG A 441 -4.68 -12.29 -12.64
CA ARG A 441 -5.06 -11.88 -11.30
C ARG A 441 -6.47 -11.28 -11.28
N CYS A 442 -6.90 -10.67 -12.38
CA CYS A 442 -8.24 -10.08 -12.45
C CYS A 442 -9.34 -11.12 -12.65
N GLN A 443 -9.01 -12.30 -13.16
CA GLN A 443 -10.01 -13.31 -13.48
C GLN A 443 -9.75 -14.62 -12.75
N SER A 444 -9.14 -14.57 -11.57
CA SER A 444 -9.00 -15.77 -10.76
C SER A 444 -10.35 -16.14 -10.15
N ARG A 445 -10.49 -17.41 -9.76
CA ARG A 445 -11.75 -17.89 -9.23
C ARG A 445 -12.17 -17.11 -7.99
N ILE A 446 -11.20 -16.75 -7.14
CA ILE A 446 -11.50 -15.98 -5.94
C ILE A 446 -11.95 -14.57 -6.27
N ALA A 447 -11.61 -14.06 -7.46
CA ALA A 447 -11.96 -12.68 -7.81
C ALA A 447 -13.37 -12.57 -8.39
N ARG A 448 -13.89 -13.64 -8.99
CA ARG A 448 -15.26 -13.61 -9.52
C ARG A 448 -16.31 -13.71 -8.42
N THR A 449 -15.94 -14.20 -7.24
CA THR A 449 -16.88 -14.32 -6.13
C THR A 449 -17.20 -12.98 -5.47
N LEU A 450 -16.51 -11.92 -5.84
CA LEU A 450 -16.70 -10.62 -5.24
C LEU A 450 -17.99 -9.96 -5.74
N PRO A 451 -18.51 -8.98 -5.02
CA PRO A 451 -19.67 -8.22 -5.52
C PRO A 451 -19.33 -7.47 -6.80
N ALA A 452 -20.37 -7.01 -7.48
CA ALA A 452 -20.21 -6.36 -8.77
C ALA A 452 -19.65 -4.95 -8.68
N ASP A 453 -19.77 -4.30 -7.51
CA ASP A 453 -19.21 -2.97 -7.31
C ASP A 453 -17.85 -3.00 -6.64
N GLN A 454 -17.30 -4.18 -6.38
CA GLN A 454 -15.92 -4.34 -5.98
C GLN A 454 -15.15 -5.25 -6.93
N LYS A 455 -15.79 -5.71 -8.01
CA LYS A 455 -15.15 -6.65 -8.92
C LYS A 455 -13.94 -6.00 -9.60
N PRO A 456 -12.83 -6.72 -9.75
CA PRO A 456 -11.63 -6.16 -10.38
C PRO A 456 -11.85 -5.89 -11.87
N GLU A 457 -11.65 -4.64 -12.27
CA GLU A 457 -11.69 -4.27 -13.69
C GLU A 457 -10.28 -4.34 -14.25
N CYS A 458 -10.08 -5.17 -15.27
CA CYS A 458 -8.79 -5.29 -15.94
C CYS A 458 -8.69 -4.15 -16.94
N ARG A 459 -8.08 -3.05 -16.50
CA ARG A 459 -8.04 -1.82 -17.29
C ARG A 459 -6.66 -1.18 -17.23
N PRO A 460 -6.17 -0.66 -18.37
CA PRO A 460 -6.82 -0.60 -19.68
C PRO A 460 -6.84 -1.94 -20.42
N TYR A 461 -7.95 -2.22 -21.12
CA TYR A 461 -8.08 -3.43 -21.92
C TYR A 461 -8.82 -3.09 -23.21
N TRP A 462 -8.25 -3.50 -24.33
CA TRP A 462 -8.85 -3.27 -25.63
C TRP A 462 -8.75 -4.53 -26.46
N GLU A 463 -9.69 -4.69 -27.39
CA GLU A 463 -9.71 -5.88 -28.23
C GLU A 463 -8.83 -5.70 -29.46
N LYS A 464 -8.51 -6.82 -30.11
CA LYS A 464 -7.55 -6.85 -31.20
C LYS A 464 -8.00 -6.05 -32.41
N ASP A 465 -9.26 -5.60 -32.47
CA ASP A 465 -9.74 -4.81 -33.59
C ASP A 465 -9.96 -3.34 -33.23
N ASP A 466 -9.69 -2.95 -31.98
CA ASP A 466 -9.92 -1.58 -31.56
C ASP A 466 -9.00 -0.63 -32.31
N ALA A 467 -9.60 0.26 -33.11
CA ALA A 467 -8.84 1.15 -33.98
C ALA A 467 -8.30 2.38 -33.25
N SER A 468 -8.74 2.65 -32.02
CA SER A 468 -8.20 3.78 -31.28
C SER A 468 -6.83 3.48 -30.69
N MET A 469 -6.54 2.21 -30.42
CA MET A 469 -5.25 1.81 -29.88
C MET A 469 -4.30 1.48 -31.02
N PRO A 470 -3.07 2.01 -31.01
CA PRO A 470 -2.13 1.71 -32.11
C PRO A 470 -1.42 0.38 -31.97
N LEU A 471 -1.48 -0.27 -30.81
CA LEU A 471 -0.78 -1.53 -30.58
C LEU A 471 -1.68 -2.51 -29.86
N PRO A 472 -1.52 -3.81 -30.11
CA PRO A 472 -2.37 -4.80 -29.44
C PRO A 472 -2.05 -4.92 -27.96
N PHE A 473 -3.00 -5.50 -27.21
CA PHE A 473 -2.78 -5.76 -25.80
C PHE A 473 -1.73 -6.86 -25.60
N ASP A 474 -1.72 -7.86 -26.48
CA ASP A 474 -0.76 -8.97 -26.40
C ASP A 474 0.40 -8.65 -27.32
N LEU A 475 1.61 -8.66 -26.77
CA LEU A 475 2.83 -8.26 -27.48
C LEU A 475 3.79 -9.41 -27.73
N THR A 476 3.38 -10.67 -27.50
CA THR A 476 4.30 -11.78 -27.74
C THR A 476 4.76 -11.82 -29.18
N ASP A 477 3.83 -11.72 -30.13
CA ASP A 477 4.24 -11.59 -31.51
C ASP A 477 5.35 -10.54 -31.63
N ILE A 478 5.03 -9.28 -31.33
CA ILE A 478 6.01 -8.20 -31.37
C ILE A 478 7.30 -8.58 -30.64
N VAL A 479 7.18 -8.93 -29.35
CA VAL A 479 8.36 -9.21 -28.53
C VAL A 479 9.26 -10.25 -29.19
N SER A 480 8.66 -11.36 -29.65
CA SER A 480 9.46 -12.44 -30.22
C SER A 480 10.14 -12.01 -31.52
N GLU A 481 9.58 -11.04 -32.25
CA GLU A 481 10.23 -10.57 -33.46
C GLU A 481 11.49 -9.79 -33.13
N LEU A 482 11.42 -8.90 -32.13
CA LEU A 482 12.54 -8.00 -31.88
C LEU A 482 13.79 -8.77 -31.46
N ARG A 483 13.64 -9.80 -30.63
CA ARG A 483 14.80 -10.61 -30.29
C ARG A 483 15.24 -11.50 -31.43
N GLY A 484 14.34 -11.80 -32.37
CA GLY A 484 14.77 -12.46 -33.59
C GLY A 484 15.73 -11.61 -34.40
N GLN A 485 15.40 -10.32 -34.55
CA GLN A 485 16.28 -9.42 -35.28
C GLN A 485 17.61 -9.24 -34.57
N LEU A 486 17.62 -9.31 -33.24
CA LEU A 486 18.81 -8.96 -32.48
C LEU A 486 19.90 -10.03 -32.58
N LEU A 487 19.55 -11.28 -32.86
CA LEU A 487 20.55 -12.31 -33.09
C LEU A 487 20.77 -12.62 -34.56
N GLU A 488 19.80 -12.31 -35.42
CA GLU A 488 19.97 -12.50 -36.86
C GLU A 488 20.83 -11.39 -37.45
C1 AKG B . -1.91 -3.59 9.83
O1 AKG B . -2.09 -2.36 9.72
O2 AKG B . -1.43 -4.27 8.90
C2 AKG B . -2.29 -4.24 11.09
O5 AKG B . -2.79 -5.35 11.08
C3 AKG B . -2.09 -3.55 12.22
C4 AKG B . -2.11 -4.18 13.52
C5 AKG B . -3.42 -3.92 14.24
O3 AKG B . -3.38 -3.62 15.46
O4 AKG B . -4.49 -4.04 13.61
MN MN C . 0.25 -4.50 11.27
C10 943 D . 2.38 -6.88 5.39
C12 943 D . -2.10 -8.49 6.60
CL1 943 D . 0.33 -11.66 7.05
C02 943 D . -0.26 -10.04 6.78
C03 943 D . 0.63 -9.00 6.52
C04 943 D . 0.16 -7.71 6.31
C05 943 D . 1.16 -6.59 6.02
C06 943 D . 0.87 -5.24 6.36
C07 943 D . 1.82 -4.26 6.06
N08 943 D . 2.97 -4.57 5.46
C09 943 D . 3.26 -5.82 5.13
C11 943 D . -1.20 -7.45 6.34
CL2 943 D . -3.80 -8.14 6.64
C14 943 D . -1.64 -9.78 6.81
N15 943 D . -2.58 -10.88 7.08
C16 943 D . -3.11 -11.75 6.04
C17 943 D . -3.32 -11.26 4.75
C18 943 D . -3.84 -12.09 3.77
C19 943 D . -4.14 -13.42 4.05
C20 943 D . -3.93 -13.91 5.34
C21 943 D . -3.42 -13.07 6.33
C22 943 D . -3.19 -13.61 7.73
O23 943 D . -2.53 -12.93 8.55
O24 943 D . -3.65 -14.75 8.06
#